data_6A0G
#
_entry.id   6A0G
#
_cell.length_a   138.259
_cell.length_b   138.259
_cell.length_c   111.385
_cell.angle_alpha   90.00
_cell.angle_beta   90.00
_cell.angle_gamma   90.00
#
_symmetry.space_group_name_H-M   'I 4 2 2'
#
loop_
_entity.id
_entity.type
_entity.pdbx_description
1 polymer '4-hydroxymandelate oxidase'
2 non-polymer 'FLAVIN MONONUCLEOTIDE'
3 non-polymer 'ALPHA-HYDROXY-BETA-PHENYL-PROPIONIC ACID'
4 water water
#
_entity_poly.entity_id   1
_entity_poly.type   'polypeptide(L)'
_entity_poly.pdbx_seq_one_letter_code
;MGSSHHHHHHSSGLVPRGSHMTYVSLADLERAARDVLPGEIFDFLAGGSGTEASLVANRTALERVFVIPRMLRDLTDVTT
EIDIFGRRAALPMAVAPVAYQRLFHPEGELAVARAARDAGVPYTICTLSSVSLEEIAAVGGRPWFQLFWLRDEKRSLDLV
RRAEDAGCEAIVFTVDVPWMGRRLRDMRNGFALPEWVTAANFDAGTAAHRRTQGVSAVADHTAREFAPATWESVEAVRAH
TDLPVVLKGILAVEDARRAVDAGAGGIVVSNHGGRQLDGAVPGIEMLGEIVAAVSGGCEVLVDGGIRSGGDVLKATALGA
SAVLVGRPVMWALAAAGQDGVRQLLELLAEEVRDAMGLAGCESVGAARRLNTKLGVV
;
_entity_poly.pdbx_strand_id   A
#
# COMPACT_ATOMS: atom_id res chain seq x y z
N TYR A 23 8.00 -21.47 -2.23
CA TYR A 23 7.19 -20.61 -1.34
C TYR A 23 5.72 -20.89 -1.65
N VAL A 24 4.98 -21.40 -0.67
CA VAL A 24 3.52 -21.70 -0.85
C VAL A 24 2.63 -20.83 0.07
N SER A 25 3.30 -20.04 0.94
CA SER A 25 2.70 -18.89 1.63
C SER A 25 3.73 -17.72 1.82
N LEU A 26 3.16 -16.56 2.14
CA LEU A 26 3.92 -15.34 2.33
C LEU A 26 4.76 -15.47 3.57
N ALA A 27 4.35 -16.33 4.49
CA ALA A 27 5.10 -16.58 5.73
C ALA A 27 6.43 -17.34 5.55
N ASP A 28 6.54 -18.15 4.50
CA ASP A 28 7.85 -18.75 4.19
C ASP A 28 8.89 -17.63 3.93
N LEU A 29 8.47 -16.60 3.18
CA LEU A 29 9.33 -15.49 2.81
C LEU A 29 9.80 -14.71 4.02
N GLU A 30 8.96 -14.50 5.04
CA GLU A 30 9.39 -13.72 6.19
C GLU A 30 10.63 -14.39 6.85
N ARG A 31 10.66 -15.73 6.89
CA ARG A 31 11.70 -16.47 7.64
C ARG A 31 13.01 -16.34 6.86
N ALA A 32 12.88 -16.50 5.56
CA ALA A 32 13.99 -16.31 4.63
C ALA A 32 14.59 -14.88 4.68
N ALA A 33 13.72 -13.84 4.68
CA ALA A 33 14.21 -12.48 5.00
C ALA A 33 14.90 -12.32 6.37
N ARG A 34 14.36 -12.95 7.43
CA ARG A 34 14.96 -12.83 8.76
C ARG A 34 16.37 -13.45 8.74
N ASP A 35 16.52 -14.52 8.01
CA ASP A 35 17.86 -15.14 7.92
C ASP A 35 18.86 -14.24 7.23
N VAL A 36 18.48 -13.57 6.14
CA VAL A 36 19.51 -12.86 5.39
C VAL A 36 19.77 -11.46 5.86
N LEU A 37 18.76 -10.76 6.40
CA LEU A 37 18.97 -9.34 6.69
C LEU A 37 19.68 -9.21 8.01
N PRO A 38 20.52 -8.20 8.15
CA PRO A 38 20.99 -7.84 9.45
C PRO A 38 19.78 -7.58 10.41
N GLY A 39 19.88 -8.04 11.65
CA GLY A 39 18.87 -7.79 12.66
C GLY A 39 18.27 -6.40 12.71
N GLU A 40 19.11 -5.37 12.68
CA GLU A 40 18.59 -4.03 12.88
C GLU A 40 17.78 -3.55 11.65
N ILE A 41 18.07 -4.11 10.49
CA ILE A 41 17.34 -3.79 9.26
C ILE A 41 16.03 -4.59 9.26
N PHE A 42 16.07 -5.87 9.67
CA PHE A 42 14.86 -6.63 9.83
C PHE A 42 13.90 -5.89 10.79
N ASP A 43 14.45 -5.33 11.86
CA ASP A 43 13.63 -4.64 12.85
C ASP A 43 13.07 -3.33 12.33
N PHE A 44 13.85 -2.62 11.52
CA PHE A 44 13.40 -1.41 10.90
C PHE A 44 12.16 -1.74 10.07
N LEU A 45 12.25 -2.83 9.32
CA LEU A 45 11.16 -3.28 8.47
C LEU A 45 9.94 -3.72 9.27
N ALA A 46 10.14 -4.58 10.27
CA ALA A 46 9.05 -5.28 10.93
C ALA A 46 8.31 -4.39 11.93
N GLY A 47 9.04 -3.45 12.51
CA GLY A 47 8.61 -2.76 13.70
C GLY A 47 7.46 -1.77 13.53
N GLY A 48 6.86 -1.43 14.67
CA GLY A 48 5.92 -0.31 14.74
C GLY A 48 6.25 0.66 15.80
N SER A 49 5.33 1.58 16.06
CA SER A 49 5.61 2.62 17.00
C SER A 49 5.17 2.16 18.41
N GLY A 50 5.68 2.80 19.44
CA GLY A 50 5.15 2.56 20.77
C GLY A 50 5.25 1.12 21.22
N THR A 51 4.14 0.60 21.74
CA THR A 51 4.07 -0.80 22.18
C THR A 51 3.68 -1.76 21.06
N GLU A 52 3.52 -1.26 19.84
CA GLU A 52 3.21 -2.04 18.66
C GLU A 52 1.79 -2.53 18.71
N ALA A 53 0.97 -1.78 19.44
CA ALA A 53 -0.44 -2.19 19.53
C ALA A 53 -1.16 -2.13 18.19
N SER A 54 -0.93 -1.09 17.44
CA SER A 54 -1.62 -0.92 16.19
C SER A 54 -1.11 -1.90 15.15
N LEU A 55 0.21 -2.16 15.19
CA LEU A 55 0.84 -3.19 14.36
C LEU A 55 0.17 -4.55 14.53
N VAL A 56 0.09 -5.02 15.76
CA VAL A 56 -0.59 -6.27 16.05
C VAL A 56 -2.10 -6.24 15.71
N ALA A 57 -2.76 -5.10 15.99
CA ALA A 57 -4.19 -4.99 15.72
C ALA A 57 -4.56 -5.11 14.25
N ASN A 58 -3.66 -4.68 13.37
CA ASN A 58 -3.91 -4.85 11.92
C ASN A 58 -4.17 -6.34 11.59
N ARG A 59 -3.35 -7.22 12.13
CA ARG A 59 -3.55 -8.65 11.94
C ARG A 59 -4.71 -9.19 12.68
N THR A 60 -4.88 -8.83 13.94
N THR A 60 -4.88 -8.83 13.94
CA THR A 60 -6.05 -9.27 14.73
CA THR A 60 -6.00 -9.41 14.69
C THR A 60 -7.32 -8.97 14.01
C THR A 60 -7.36 -8.94 14.15
N ALA A 61 -7.44 -7.73 13.55
CA ALA A 61 -8.66 -7.29 12.89
C ALA A 61 -9.00 -8.13 11.68
N LEU A 62 -8.02 -8.43 10.82
CA LEU A 62 -8.24 -9.29 9.67
C LEU A 62 -8.66 -10.68 10.06
N GLU A 63 -8.05 -11.19 11.09
CA GLU A 63 -8.39 -12.51 11.59
C GLU A 63 -9.79 -12.65 12.16
N ARG A 64 -10.42 -11.57 12.57
CA ARG A 64 -11.78 -11.62 13.06
C ARG A 64 -12.81 -11.68 11.96
N VAL A 65 -12.44 -11.30 10.75
CA VAL A 65 -13.35 -11.20 9.61
C VAL A 65 -13.54 -12.58 8.93
N PHE A 66 -14.79 -13.03 8.76
CA PHE A 66 -15.04 -14.25 7.99
C PHE A 66 -15.86 -13.77 6.82
N VAL A 67 -15.66 -14.41 5.69
CA VAL A 67 -16.46 -14.16 4.46
C VAL A 67 -17.61 -15.12 4.40
N ILE A 68 -18.75 -14.69 3.89
CA ILE A 68 -19.87 -15.54 3.58
C ILE A 68 -19.87 -15.81 2.06
N PRO A 69 -19.29 -16.94 1.61
CA PRO A 69 -19.14 -17.20 0.16
C PRO A 69 -20.43 -17.55 -0.49
N ARG A 70 -20.57 -17.26 -1.76
CA ARG A 70 -21.69 -17.63 -2.57
C ARG A 70 -21.33 -18.83 -3.44
N MET A 71 -22.32 -19.63 -3.75
CA MET A 71 -22.07 -20.87 -4.48
C MET A 71 -22.82 -20.85 -5.82
N LEU A 72 -22.37 -21.70 -6.71
CA LEU A 72 -23.13 -22.09 -7.93
C LEU A 72 -23.29 -20.99 -8.95
N ARG A 73 -22.36 -20.01 -8.90
CA ARG A 73 -22.31 -18.93 -9.89
C ARG A 73 -21.40 -19.29 -11.05
N ASP A 74 -21.58 -18.63 -12.17
CA ASP A 74 -20.73 -18.87 -13.33
C ASP A 74 -19.29 -18.37 -13.08
N LEU A 75 -18.34 -19.26 -13.22
CA LEU A 75 -16.96 -18.97 -12.99
C LEU A 75 -16.19 -19.24 -14.28
N THR A 76 -16.86 -19.11 -15.44
CA THR A 76 -16.17 -19.59 -16.67
C THR A 76 -15.05 -18.64 -17.03
N ASP A 77 -15.22 -17.34 -16.71
CA ASP A 77 -14.22 -16.29 -16.98
C ASP A 77 -13.83 -15.45 -15.73
N VAL A 78 -13.32 -16.10 -14.69
CA VAL A 78 -12.99 -15.38 -13.46
C VAL A 78 -11.86 -14.43 -13.84
N THR A 79 -11.98 -13.17 -13.46
CA THR A 79 -10.93 -12.21 -13.67
C THR A 79 -10.65 -11.44 -12.40
N THR A 80 -9.38 -11.27 -12.08
CA THR A 80 -8.95 -10.46 -10.96
C THR A 80 -8.62 -9.02 -11.33
N GLU A 81 -8.87 -8.61 -12.57
CA GLU A 81 -8.46 -7.29 -13.03
C GLU A 81 -9.36 -6.24 -12.46
N ILE A 82 -8.83 -5.05 -12.30
CA ILE A 82 -9.65 -3.89 -11.96
C ILE A 82 -9.17 -2.72 -12.84
N ASP A 83 -9.99 -1.72 -12.94
CA ASP A 83 -9.58 -0.42 -13.50
C ASP A 83 -9.45 0.52 -12.38
N ILE A 84 -8.31 1.16 -12.29
CA ILE A 84 -8.10 2.14 -11.25
C ILE A 84 -7.26 3.32 -11.74
N PHE A 85 -7.70 4.55 -11.43
CA PHE A 85 -6.88 5.80 -11.78
C PHE A 85 -6.50 5.73 -13.24
N GLY A 86 -7.50 5.41 -14.05
CA GLY A 86 -7.38 5.33 -15.49
C GLY A 86 -6.74 4.11 -16.14
N ARG A 87 -6.33 3.10 -15.38
CA ARG A 87 -5.53 2.03 -15.98
C ARG A 87 -6.00 0.68 -15.47
N ARG A 88 -5.86 -0.34 -16.29
CA ARG A 88 -6.08 -1.70 -15.87
C ARG A 88 -4.96 -2.16 -14.96
N ALA A 89 -5.31 -2.84 -13.89
CA ALA A 89 -4.32 -3.50 -13.06
C ALA A 89 -4.68 -4.98 -13.06
N ALA A 90 -3.69 -5.85 -12.92
CA ALA A 90 -3.93 -7.30 -12.99
C ALA A 90 -4.63 -7.90 -11.75
N LEU A 91 -4.51 -7.21 -10.60
CA LEU A 91 -5.03 -7.62 -9.30
C LEU A 91 -5.53 -6.37 -8.62
N PRO A 92 -6.43 -6.51 -7.66
CA PRO A 92 -6.84 -5.33 -6.89
C PRO A 92 -5.82 -5.01 -5.82
N MET A 93 -4.60 -4.70 -6.24
CA MET A 93 -3.50 -4.54 -5.34
C MET A 93 -2.42 -3.70 -5.93
N ALA A 94 -1.73 -2.94 -5.10
CA ALA A 94 -0.54 -2.20 -5.50
C ALA A 94 0.55 -2.42 -4.48
N VAL A 95 1.81 -2.20 -4.86
CA VAL A 95 2.89 -2.22 -3.90
C VAL A 95 2.91 -0.91 -3.11
N ALA A 96 2.90 -1.04 -1.78
CA ALA A 96 2.81 0.17 -0.92
C ALA A 96 4.14 0.92 -1.02
N PRO A 97 4.11 2.20 -0.76
CA PRO A 97 5.39 2.91 -0.58
C PRO A 97 6.17 2.47 0.63
N VAL A 98 7.42 2.07 0.39
CA VAL A 98 8.33 1.69 1.45
C VAL A 98 9.69 2.38 1.17
N ALA A 99 10.09 3.26 2.03
CA ALA A 99 11.28 4.09 1.81
C ALA A 99 12.55 3.21 1.72
N TYR A 100 13.55 3.68 0.94
CA TYR A 100 14.94 3.08 1.10
C TYR A 100 15.08 1.59 0.84
N GLN A 101 14.55 1.14 -0.31
CA GLN A 101 14.50 -0.28 -0.53
C GLN A 101 15.90 -0.94 -0.78
N ARG A 102 16.91 -0.11 -1.00
CA ARG A 102 18.28 -0.66 -1.05
C ARG A 102 18.74 -1.11 0.27
N LEU A 103 18.00 -0.75 1.34
CA LEU A 103 18.28 -1.43 2.58
C LEU A 103 18.13 -2.91 2.52
N PHE A 104 17.23 -3.43 1.69
CA PHE A 104 16.87 -4.84 1.71
C PHE A 104 17.56 -5.68 0.64
N HIS A 105 17.98 -5.02 -0.43
CA HIS A 105 18.66 -5.71 -1.55
C HIS A 105 19.40 -4.67 -2.37
N PRO A 106 20.54 -5.08 -2.99
CA PRO A 106 21.30 -4.09 -3.75
C PRO A 106 20.58 -3.45 -4.93
N GLU A 107 19.64 -4.16 -5.56
CA GLU A 107 18.91 -3.59 -6.65
C GLU A 107 17.69 -2.74 -6.17
N GLY A 108 17.37 -2.86 -4.91
CA GLY A 108 16.35 -1.93 -4.30
C GLY A 108 15.12 -1.81 -5.14
N GLU A 109 14.72 -0.56 -5.33
CA GLU A 109 13.46 -0.25 -5.98
C GLU A 109 13.40 -0.76 -7.39
N LEU A 110 14.56 -0.88 -8.09
CA LEU A 110 14.42 -1.33 -9.47
C LEU A 110 13.98 -2.76 -9.52
N ALA A 111 14.45 -3.62 -8.62
CA ALA A 111 14.04 -5.01 -8.62
C ALA A 111 12.50 -5.12 -8.36
N VAL A 112 12.04 -4.31 -7.42
CA VAL A 112 10.63 -4.38 -7.05
C VAL A 112 9.79 -3.87 -8.17
N ALA A 113 10.16 -2.76 -8.78
CA ALA A 113 9.41 -2.16 -9.85
C ALA A 113 9.39 -2.99 -11.09
N ARG A 114 10.51 -3.65 -11.39
CA ARG A 114 10.47 -4.60 -12.50
C ARG A 114 9.48 -5.76 -12.30
N ALA A 115 9.50 -6.41 -11.15
CA ALA A 115 8.58 -7.53 -10.82
C ALA A 115 7.13 -7.05 -10.86
N ALA A 116 6.89 -5.82 -10.34
CA ALA A 116 5.52 -5.28 -10.35
C ALA A 116 5.07 -5.04 -11.73
N ARG A 117 5.93 -4.42 -12.54
CA ARG A 117 5.58 -4.23 -13.93
C ARG A 117 5.19 -5.52 -14.61
N ASP A 118 6.01 -6.54 -14.38
CA ASP A 118 5.82 -7.81 -15.11
C ASP A 118 4.54 -8.49 -14.63
N ALA A 119 4.16 -8.26 -13.37
CA ALA A 119 2.91 -8.81 -12.81
C ALA A 119 1.65 -8.01 -13.10
N GLY A 120 1.83 -6.84 -13.64
CA GLY A 120 0.75 -5.95 -13.94
C GLY A 120 0.14 -5.26 -12.69
N VAL A 121 0.97 -5.04 -11.70
CA VAL A 121 0.55 -4.38 -10.42
C VAL A 121 1.22 -3.02 -10.35
N PRO A 122 0.48 -1.97 -9.97
CA PRO A 122 1.11 -0.69 -9.76
C PRO A 122 2.12 -0.69 -8.68
N TYR A 123 3.20 0.04 -8.91
CA TYR A 123 4.29 0.20 -7.98
C TYR A 123 4.34 1.64 -7.49
N THR A 124 4.34 1.87 -6.19
CA THR A 124 4.40 3.22 -5.61
C THR A 124 5.88 3.64 -5.37
N ILE A 125 6.35 4.56 -6.20
CA ILE A 125 7.71 5.17 -6.03
C ILE A 125 7.67 6.17 -4.83
N CYS A 126 8.58 6.01 -3.90
CA CYS A 126 8.68 6.86 -2.74
C CYS A 126 9.43 8.16 -2.91
N THR A 127 8.99 9.17 -2.21
CA THR A 127 9.78 10.39 -2.03
C THR A 127 11.17 10.07 -1.49
N LEU A 128 11.27 9.16 -0.55
CA LEU A 128 12.53 8.71 0.02
C LEU A 128 13.03 7.42 -0.64
N SER A 129 12.93 7.34 -1.93
CA SER A 129 13.44 6.18 -2.67
C SER A 129 15.00 6.25 -2.68
N SER A 130 15.62 5.09 -2.71
CA SER A 130 17.10 4.98 -2.69
C SER A 130 17.62 4.90 -4.12
N VAL A 131 16.73 4.92 -5.10
CA VAL A 131 17.04 5.11 -6.52
C VAL A 131 16.15 6.23 -6.96
N SER A 132 16.60 7.03 -7.90
CA SER A 132 15.85 8.21 -8.28
C SER A 132 14.53 7.82 -8.93
N LEU A 133 13.49 8.67 -8.71
CA LEU A 133 12.15 8.44 -9.28
C LEU A 133 12.16 8.32 -10.79
N GLU A 134 13.05 9.06 -11.46
CA GLU A 134 13.11 8.94 -12.90
C GLU A 134 13.65 7.57 -13.37
N GLU A 135 14.66 7.04 -12.72
CA GLU A 135 15.15 5.70 -13.03
C GLU A 135 14.11 4.62 -12.79
N ILE A 136 13.41 4.74 -11.63
CA ILE A 136 12.39 3.78 -11.35
C ILE A 136 11.31 3.85 -12.37
N ALA A 137 10.85 5.04 -12.71
CA ALA A 137 9.77 5.11 -13.67
C ALA A 137 10.16 4.59 -15.08
N ALA A 138 11.45 4.74 -15.40
CA ALA A 138 11.98 4.23 -16.70
C ALA A 138 11.80 2.74 -16.83
N VAL A 139 11.68 2.03 -15.74
CA VAL A 139 11.41 0.61 -15.77
C VAL A 139 10.10 0.33 -16.56
N GLY A 140 9.15 1.25 -16.53
CA GLY A 140 7.87 1.11 -17.21
C GLY A 140 6.78 0.70 -16.17
N GLY A 141 5.78 -0.03 -16.62
CA GLY A 141 4.70 -0.56 -15.70
C GLY A 141 3.78 0.58 -15.38
N ARG A 142 3.15 0.56 -14.19
CA ARG A 142 2.14 1.61 -13.83
C ARG A 142 2.66 2.33 -12.58
N PRO A 143 3.71 3.19 -12.70
CA PRO A 143 4.22 3.67 -11.46
C PRO A 143 3.22 4.74 -10.89
N TRP A 144 3.08 4.71 -9.56
CA TRP A 144 2.52 5.84 -8.82
C TRP A 144 3.61 6.52 -8.07
N PHE A 145 3.39 7.76 -7.57
CA PHE A 145 4.40 8.45 -6.80
C PHE A 145 3.87 8.88 -5.44
N GLN A 146 4.56 8.52 -4.36
CA GLN A 146 4.17 8.93 -3.01
C GLN A 146 4.90 10.19 -2.65
N LEU A 147 4.15 11.14 -2.09
CA LEU A 147 4.67 12.42 -1.65
C LEU A 147 4.70 12.63 -0.17
N PHE A 148 5.86 12.98 0.38
CA PHE A 148 5.99 13.57 1.69
C PHE A 148 6.07 15.07 1.51
N TRP A 149 5.27 15.83 2.26
CA TRP A 149 5.28 17.28 2.12
C TRP A 149 6.59 17.89 2.66
N LEU A 150 7.19 18.75 1.88
CA LEU A 150 8.47 19.34 2.24
C LEU A 150 8.20 20.71 2.93
N ARG A 151 9.07 21.03 3.87
CA ARG A 151 9.59 22.40 4.09
C ARG A 151 8.96 23.44 3.20
N ASP A 152 9.16 23.45 1.87
CA ASP A 152 8.36 24.43 1.12
C ASP A 152 7.48 24.01 -0.03
N GLU A 153 6.34 24.70 -0.12
CA GLU A 153 5.36 24.45 -1.14
C GLU A 153 6.00 24.27 -2.57
N LYS A 154 7.05 25.03 -2.90
CA LYS A 154 7.59 25.01 -4.27
C LYS A 154 8.41 23.77 -4.58
N ARG A 155 9.18 23.31 -3.62
CA ARG A 155 9.87 22.09 -3.79
C ARG A 155 8.93 20.86 -3.83
N SER A 156 7.82 20.95 -3.07
CA SER A 156 6.90 19.81 -2.96
C SER A 156 6.30 19.66 -4.30
N LEU A 157 5.87 20.78 -4.85
CA LEU A 157 5.26 20.81 -6.08
C LEU A 157 6.27 20.44 -7.21
N ASP A 158 7.58 20.62 -7.00
CA ASP A 158 8.64 20.25 -8.00
CA ASP A 158 8.55 20.31 -8.05
C ASP A 158 8.72 18.77 -8.07
N LEU A 159 8.62 18.12 -6.91
CA LEU A 159 8.67 16.69 -6.83
C LEU A 159 7.45 16.12 -7.57
N VAL A 160 6.29 16.73 -7.36
CA VAL A 160 5.12 16.30 -8.03
C VAL A 160 5.28 16.46 -9.55
N ARG A 161 5.78 17.60 -9.98
CA ARG A 161 5.99 17.81 -11.43
C ARG A 161 7.00 16.80 -12.01
N ARG A 162 8.08 16.52 -11.31
CA ARG A 162 9.04 15.52 -11.75
C ARG A 162 8.35 14.21 -11.96
N ALA A 163 7.50 13.84 -10.98
CA ALA A 163 6.83 12.55 -11.10
C ALA A 163 5.91 12.51 -12.25
N GLU A 164 5.14 13.58 -12.44
CA GLU A 164 4.21 13.58 -13.54
C GLU A 164 4.99 13.51 -14.95
N ASP A 165 6.02 14.34 -15.05
CA ASP A 165 6.94 14.38 -16.23
C ASP A 165 7.54 13.01 -16.50
N ALA A 166 7.80 12.23 -15.46
CA ALA A 166 8.34 10.87 -15.64
C ALA A 166 7.37 9.78 -15.96
N GLY A 167 6.09 10.10 -15.99
CA GLY A 167 5.02 9.19 -16.36
C GLY A 167 4.27 8.48 -15.21
N CYS A 168 4.43 8.97 -13.98
CA CYS A 168 3.65 8.41 -12.85
C CYS A 168 2.19 8.73 -13.10
N GLU A 169 1.30 7.87 -12.63
CA GLU A 169 -0.11 7.97 -12.97
C GLU A 169 -1.02 8.43 -11.83
N ALA A 170 -0.46 8.57 -10.63
CA ALA A 170 -1.20 9.03 -9.46
C ALA A 170 -0.23 9.59 -8.43
N ILE A 171 -0.69 10.57 -7.64
CA ILE A 171 0.14 11.11 -6.57
C ILE A 171 -0.49 10.59 -5.27
N VAL A 172 0.28 9.81 -4.53
CA VAL A 172 -0.13 9.20 -3.26
C VAL A 172 0.41 10.11 -2.23
N PHE A 173 -0.44 11.00 -1.72
CA PHE A 173 0.02 12.03 -0.76
C PHE A 173 -0.10 11.42 0.63
N THR A 174 1.01 11.22 1.36
CA THR A 174 0.95 10.65 2.70
C THR A 174 0.49 11.74 3.66
N VAL A 175 -0.63 11.48 4.32
CA VAL A 175 -1.26 12.55 5.17
C VAL A 175 -1.22 12.24 6.64
N ASP A 176 -0.57 11.14 7.06
CA ASP A 176 -0.55 10.70 8.43
C ASP A 176 0.81 10.85 9.11
N VAL A 177 1.69 11.63 8.47
CA VAL A 177 2.99 11.80 8.99
C VAL A 177 3.32 13.25 9.12
N PRO A 178 2.67 13.96 10.07
CA PRO A 178 3.15 15.33 10.33
C PRO A 178 4.55 15.32 10.83
N TRP A 179 4.90 14.26 11.56
CA TRP A 179 6.28 13.86 11.83
C TRP A 179 6.27 12.39 12.03
N MET A 180 7.45 11.79 12.15
CA MET A 180 7.51 10.34 12.37
C MET A 180 7.17 9.80 13.75
N GLY A 181 6.44 8.68 13.79
CA GLY A 181 6.26 7.91 15.03
C GLY A 181 7.54 7.46 15.76
N ARG A 182 7.42 7.23 17.06
N ARG A 182 7.39 7.18 17.05
CA ARG A 182 8.57 6.84 17.88
CA ARG A 182 8.48 6.78 17.93
C ARG A 182 8.73 5.31 17.78
C ARG A 182 8.71 5.27 17.78
N ARG A 183 9.72 4.88 17.01
CA ARG A 183 9.93 3.47 16.73
C ARG A 183 10.97 2.92 17.72
N LEU A 184 10.47 2.28 18.76
CA LEU A 184 11.36 1.89 19.91
C LEU A 184 12.40 0.81 19.49
N ARG A 185 12.07 -0.03 18.50
CA ARG A 185 13.09 -1.01 18.05
C ARG A 185 14.31 -0.27 17.53
N ASP A 186 14.07 0.81 16.76
CA ASP A 186 15.16 1.53 16.10
C ASP A 186 15.98 2.30 17.11
N MET A 187 15.27 2.95 18.04
CA MET A 187 15.90 3.64 19.16
C MET A 187 16.82 2.66 19.95
N ARG A 188 16.30 1.49 20.32
CA ARG A 188 17.06 0.52 21.09
C ARG A 188 18.26 0.03 20.27
N ASN A 189 18.07 -0.16 18.96
CA ASN A 189 19.12 -0.67 18.09
C ASN A 189 20.12 0.41 17.76
N GLY A 190 19.82 1.65 18.13
CA GLY A 190 20.53 2.81 17.60
C GLY A 190 20.66 2.69 16.08
N PHE A 191 19.53 2.52 15.38
CA PHE A 191 19.54 2.27 13.93
C PHE A 191 19.65 3.58 13.15
N ALA A 192 20.43 3.56 12.08
CA ALA A 192 20.66 4.74 11.28
C ALA A 192 20.91 4.25 9.89
N LEU A 193 20.61 5.06 8.88
CA LEU A 193 20.81 4.63 7.50
C LEU A 193 22.28 4.40 7.24
N PRO A 194 22.65 3.24 6.71
CA PRO A 194 24.01 3.10 6.29
C PRO A 194 24.42 4.18 5.29
N GLU A 195 25.71 4.45 5.26
CA GLU A 195 26.28 5.44 4.39
C GLU A 195 26.02 5.06 2.91
N TRP A 196 25.89 3.77 2.61
CA TRP A 196 25.61 3.33 1.22
C TRP A 196 24.10 3.48 0.75
N VAL A 197 23.19 3.99 1.58
CA VAL A 197 21.80 4.23 1.13
C VAL A 197 21.56 5.71 1.22
N THR A 198 21.10 6.34 0.15
CA THR A 198 20.75 7.77 0.24
C THR A 198 19.37 8.03 -0.35
N ALA A 199 18.83 9.19 -0.01
CA ALA A 199 17.60 9.72 -0.59
C ALA A 199 17.91 10.26 -2.00
N ALA A 200 17.78 9.34 -2.95
CA ALA A 200 18.26 9.58 -4.30
C ALA A 200 17.46 10.66 -5.04
N ASN A 201 16.30 11.08 -4.53
CA ASN A 201 15.57 12.14 -5.19
C ASN A 201 16.07 13.53 -4.81
N PHE A 202 16.98 13.62 -3.85
CA PHE A 202 17.52 14.91 -3.35
C PHE A 202 19.05 15.07 -3.58
N ASP A 203 19.54 16.29 -3.44
CA ASP A 203 20.99 16.59 -3.22
C ASP A 203 21.33 16.85 -1.74
N PHE A 226 11.30 18.66 5.69
CA PHE A 226 9.92 18.20 5.71
C PHE A 226 9.01 18.98 6.66
N ALA A 227 7.69 18.98 6.43
CA ALA A 227 6.74 19.75 7.26
C ALA A 227 5.35 19.10 7.34
N PRO A 228 4.61 19.36 8.42
CA PRO A 228 3.23 18.84 8.45
C PRO A 228 2.34 19.31 7.25
N ALA A 229 1.69 18.39 6.59
CA ALA A 229 0.76 18.71 5.55
C ALA A 229 -0.58 19.13 6.14
N THR A 230 -1.29 20.00 5.45
CA THR A 230 -2.62 20.41 5.81
C THR A 230 -3.55 20.30 4.61
N TRP A 231 -4.83 20.61 4.79
CA TRP A 231 -5.75 20.60 3.67
C TRP A 231 -5.34 21.62 2.61
N GLU A 232 -4.66 22.67 3.05
CA GLU A 232 -4.17 23.70 2.10
C GLU A 232 -3.10 23.06 1.18
N SER A 233 -2.32 22.16 1.74
CA SER A 233 -1.26 21.46 0.97
C SER A 233 -1.86 20.53 -0.05
N VAL A 234 -2.92 19.80 0.32
CA VAL A 234 -3.72 19.02 -0.60
C VAL A 234 -4.24 19.83 -1.77
N GLU A 235 -4.77 21.01 -1.47
CA GLU A 235 -5.30 21.84 -2.53
C GLU A 235 -4.17 22.30 -3.49
N ALA A 236 -3.01 22.62 -2.93
CA ALA A 236 -1.86 23.09 -3.74
C ALA A 236 -1.47 21.95 -4.71
N VAL A 237 -1.44 20.73 -4.21
CA VAL A 237 -1.12 19.60 -5.07
C VAL A 237 -2.18 19.41 -6.11
N ARG A 238 -3.45 19.39 -5.74
CA ARG A 238 -4.57 19.19 -6.65
C ARG A 238 -4.58 20.24 -7.74
N ALA A 239 -4.28 21.49 -7.37
CA ALA A 239 -4.27 22.58 -8.36
C ALA A 239 -3.11 22.45 -9.36
N HIS A 240 -2.08 21.73 -9.03
CA HIS A 240 -0.89 21.70 -9.86
C HIS A 240 -0.64 20.41 -10.63
N THR A 241 -1.60 19.49 -10.63
CA THR A 241 -1.39 18.27 -11.43
C THR A 241 -2.71 17.90 -12.01
N ASP A 242 -2.67 17.20 -13.14
CA ASP A 242 -3.86 16.57 -13.63
C ASP A 242 -3.97 15.12 -13.17
N LEU A 243 -2.99 14.63 -12.41
CA LEU A 243 -3.08 13.23 -11.97
C LEU A 243 -4.06 13.14 -10.81
N PRO A 244 -4.69 11.99 -10.64
CA PRO A 244 -5.45 11.72 -9.40
C PRO A 244 -4.57 11.81 -8.18
N VAL A 245 -5.07 12.54 -7.16
CA VAL A 245 -4.42 12.66 -5.90
C VAL A 245 -5.12 11.70 -4.92
N VAL A 246 -4.33 10.89 -4.26
CA VAL A 246 -4.80 9.82 -3.38
C VAL A 246 -4.24 10.14 -2.01
N LEU A 247 -5.10 10.32 -1.00
CA LEU A 247 -4.62 10.63 0.32
C LEU A 247 -4.45 9.37 1.10
N LYS A 248 -3.21 9.11 1.53
CA LYS A 248 -2.88 7.86 2.19
C LYS A 248 -2.73 8.15 3.69
N GLY A 249 -3.49 7.41 4.50
CA GLY A 249 -3.47 7.51 5.94
C GLY A 249 -4.76 8.16 6.53
N ILE A 250 -5.89 7.98 5.89
CA ILE A 250 -7.21 8.44 6.37
C ILE A 250 -7.82 7.36 7.22
N LEU A 251 -8.34 7.71 8.42
CA LEU A 251 -9.01 6.78 9.31
C LEU A 251 -10.39 7.32 9.76
N ALA A 252 -10.54 8.64 9.88
CA ALA A 252 -11.82 9.15 10.34
C ALA A 252 -12.79 9.28 9.17
N VAL A 253 -14.07 8.99 9.41
CA VAL A 253 -15.05 9.11 8.41
C VAL A 253 -15.17 10.51 7.89
N GLU A 254 -15.13 11.50 8.80
CA GLU A 254 -15.24 12.95 8.39
C GLU A 254 -14.05 13.35 7.46
N ASP A 255 -12.88 12.78 7.69
CA ASP A 255 -11.71 13.03 6.85
C ASP A 255 -11.90 12.35 5.47
N ALA A 256 -12.48 11.17 5.41
CA ALA A 256 -12.80 10.57 4.13
C ALA A 256 -13.75 11.43 3.31
N ARG A 257 -14.81 11.93 3.97
CA ARG A 257 -15.71 12.80 3.22
C ARG A 257 -15.09 14.09 2.81
N ARG A 258 -14.26 14.69 3.66
CA ARG A 258 -13.59 15.90 3.25
C ARG A 258 -12.61 15.64 2.14
N ALA A 259 -12.02 14.43 2.11
CA ALA A 259 -11.11 14.15 1.02
C ALA A 259 -11.86 14.15 -0.30
N VAL A 260 -13.06 13.62 -0.32
CA VAL A 260 -13.82 13.69 -1.55
C VAL A 260 -14.11 15.13 -1.94
N ASP A 261 -14.60 15.86 -0.96
CA ASP A 261 -14.93 17.31 -1.15
C ASP A 261 -13.74 18.08 -1.66
N ALA A 262 -12.55 17.75 -1.18
CA ALA A 262 -11.28 18.32 -1.62
C ALA A 262 -10.81 17.93 -3.03
N GLY A 263 -11.50 17.01 -3.70
CA GLY A 263 -11.16 16.65 -5.06
C GLY A 263 -10.16 15.46 -5.11
N ALA A 264 -9.97 14.75 -4.01
CA ALA A 264 -9.17 13.51 -4.09
C ALA A 264 -9.80 12.51 -5.00
N GLY A 265 -8.96 11.80 -5.74
CA GLY A 265 -9.43 10.68 -6.55
C GLY A 265 -9.42 9.33 -5.86
N GLY A 266 -8.77 9.31 -4.70
CA GLY A 266 -8.85 8.16 -3.83
C GLY A 266 -8.32 8.44 -2.45
N ILE A 267 -8.53 7.48 -1.54
CA ILE A 267 -7.89 7.47 -0.26
C ILE A 267 -7.35 6.09 0.05
N VAL A 268 -6.40 6.02 0.96
CA VAL A 268 -5.95 4.75 1.51
C VAL A 268 -6.25 4.81 3.00
N VAL A 269 -7.16 3.95 3.41
CA VAL A 269 -7.61 3.80 4.78
C VAL A 269 -6.53 2.95 5.48
N SER A 270 -5.83 3.59 6.39
CA SER A 270 -4.55 3.09 6.85
C SER A 270 -4.08 3.69 8.13
N ASN A 271 -3.49 2.88 9.00
CA ASN A 271 -2.76 3.37 10.16
C ASN A 271 -1.21 3.31 9.98
N HIS A 272 -0.81 3.25 8.74
CA HIS A 272 0.62 3.35 8.33
C HIS A 272 1.39 2.14 8.86
N GLY A 273 0.71 1.00 8.79
CA GLY A 273 1.32 -0.25 9.24
C GLY A 273 1.72 -0.27 10.72
N GLY A 274 1.00 0.49 11.56
CA GLY A 274 1.26 0.57 12.95
C GLY A 274 2.54 1.31 13.32
N ARG A 275 3.01 2.15 12.41
CA ARG A 275 4.28 2.86 12.56
C ARG A 275 4.12 4.33 12.94
N GLN A 276 2.87 4.81 12.98
CA GLN A 276 2.62 6.22 13.31
C GLN A 276 2.00 6.35 14.69
N LEU A 277 0.71 6.65 14.81
CA LEU A 277 0.15 6.69 16.19
C LEU A 277 -0.05 5.25 16.71
N ASP A 278 0.59 4.93 17.84
CA ASP A 278 0.43 3.69 18.49
C ASP A 278 -0.93 3.76 19.26
N GLY A 279 -1.85 2.91 18.88
CA GLY A 279 -3.26 3.06 19.35
C GLY A 279 -4.21 3.55 18.31
N ALA A 280 -3.71 3.94 17.13
CA ALA A 280 -4.61 4.20 16.01
C ALA A 280 -5.34 2.91 15.58
N VAL A 281 -6.64 3.06 15.38
CA VAL A 281 -7.50 2.00 14.87
C VAL A 281 -6.97 1.41 13.57
N PRO A 282 -7.09 0.10 13.37
CA PRO A 282 -6.73 -0.43 12.03
C PRO A 282 -7.66 0.05 10.95
N GLY A 283 -7.09 0.31 9.80
CA GLY A 283 -7.85 0.71 8.67
C GLY A 283 -9.01 -0.20 8.34
N ILE A 284 -8.77 -1.55 8.41
CA ILE A 284 -9.79 -2.50 8.08
CA ILE A 284 -9.80 -2.53 8.09
C ILE A 284 -11.06 -2.33 8.94
N GLU A 285 -10.86 -1.86 10.18
CA GLU A 285 -12.01 -1.60 11.12
C GLU A 285 -12.83 -0.34 10.75
N MET A 286 -12.26 0.58 10.01
CA MET A 286 -12.94 1.80 9.53
C MET A 286 -13.46 1.68 8.15
N LEU A 287 -12.95 0.69 7.37
CA LEU A 287 -13.22 0.64 5.97
C LEU A 287 -14.69 0.62 5.56
N GLY A 288 -15.49 -0.22 6.19
CA GLY A 288 -16.89 -0.36 5.84
C GLY A 288 -17.64 0.97 6.01
N GLU A 289 -17.42 1.58 7.16
N GLU A 289 -17.41 1.62 7.11
CA GLU A 289 -18.02 2.86 7.52
CA GLU A 289 -18.06 2.88 7.42
C GLU A 289 -17.63 3.92 6.50
C GLU A 289 -17.63 3.97 6.47
N ILE A 290 -16.34 3.96 6.15
CA ILE A 290 -15.83 4.95 5.17
C ILE A 290 -16.32 4.72 3.75
N VAL A 291 -16.43 3.45 3.33
CA VAL A 291 -16.99 3.17 2.01
C VAL A 291 -18.46 3.63 1.92
N ALA A 292 -19.24 3.40 2.97
CA ALA A 292 -20.59 3.87 2.96
C ALA A 292 -20.67 5.38 2.92
N ALA A 293 -19.79 6.06 3.64
CA ALA A 293 -19.82 7.55 3.67
C ALA A 293 -19.39 8.23 2.37
N VAL A 294 -18.45 7.66 1.61
N VAL A 294 -18.45 7.59 1.66
CA VAL A 294 -18.08 8.33 0.36
CA VAL A 294 -17.88 8.09 0.42
C VAL A 294 -19.00 8.03 -0.78
C VAL A 294 -18.86 8.05 -0.75
N SER A 295 -19.74 6.94 -0.67
N SER A 295 -19.83 7.13 -0.69
CA SER A 295 -20.81 6.58 -1.57
CA SER A 295 -20.89 6.99 -1.71
C SER A 295 -20.41 6.77 -3.05
C SER A 295 -20.31 6.96 -3.14
N GLY A 296 -19.28 6.17 -3.36
CA GLY A 296 -18.75 6.15 -4.69
C GLY A 296 -17.99 7.37 -5.18
N GLY A 297 -17.74 8.32 -4.31
CA GLY A 297 -17.12 9.58 -4.65
C GLY A 297 -15.61 9.53 -4.92
N CYS A 298 -14.93 8.47 -4.49
CA CYS A 298 -13.49 8.29 -4.79
C CYS A 298 -13.20 6.80 -4.58
N GLU A 299 -12.05 6.32 -5.03
CA GLU A 299 -11.62 4.93 -4.82
C GLU A 299 -11.26 4.85 -3.38
N VAL A 300 -11.54 3.75 -2.73
CA VAL A 300 -11.17 3.58 -1.35
C VAL A 300 -10.30 2.35 -1.24
N LEU A 301 -9.02 2.56 -0.99
CA LEU A 301 -8.07 1.50 -0.75
C LEU A 301 -7.82 1.28 0.72
N VAL A 302 -7.26 0.17 1.07
CA VAL A 302 -6.88 -0.15 2.47
C VAL A 302 -5.54 -0.80 2.50
N ASP A 303 -4.83 -0.66 3.61
CA ASP A 303 -3.63 -1.45 3.84
C ASP A 303 -3.48 -1.79 5.28
N GLY A 304 -2.48 -2.60 5.59
CA GLY A 304 -2.19 -3.01 6.92
C GLY A 304 -2.42 -4.47 7.13
N GLY A 305 -1.33 -5.26 7.05
CA GLY A 305 -1.44 -6.68 7.35
C GLY A 305 -1.97 -7.59 6.29
N ILE A 306 -2.13 -7.13 5.05
CA ILE A 306 -2.62 -7.97 3.98
C ILE A 306 -1.48 -8.99 3.66
N ARG A 307 -1.75 -10.25 3.87
CA ARG A 307 -0.68 -11.30 3.78
C ARG A 307 -1.16 -12.50 2.95
N SER A 308 -2.28 -12.45 2.25
CA SER A 308 -2.74 -13.56 1.46
C SER A 308 -3.79 -13.09 0.53
N GLY A 309 -4.11 -13.92 -0.43
CA GLY A 309 -5.27 -13.66 -1.28
C GLY A 309 -6.62 -13.71 -0.53
N GLY A 310 -6.74 -14.55 0.48
CA GLY A 310 -7.89 -14.52 1.33
C GLY A 310 -8.03 -13.17 2.05
N ASP A 311 -6.93 -12.55 2.47
CA ASP A 311 -6.99 -11.22 3.11
C ASP A 311 -7.48 -10.17 2.10
N VAL A 312 -7.00 -10.26 0.86
CA VAL A 312 -7.46 -9.39 -0.23
C VAL A 312 -8.94 -9.53 -0.39
N LEU A 313 -9.42 -10.76 -0.37
CA LEU A 313 -10.85 -11.00 -0.49
C LEU A 313 -11.61 -10.37 0.64
N LYS A 314 -11.11 -10.50 1.87
CA LYS A 314 -11.76 -9.85 3.03
C LYS A 314 -11.87 -8.34 2.83
N ALA A 315 -10.76 -7.71 2.44
CA ALA A 315 -10.76 -6.26 2.21
C ALA A 315 -11.76 -5.84 1.15
N THR A 316 -11.84 -6.62 0.06
CA THR A 316 -12.78 -6.40 -1.01
CA THR A 316 -12.80 -6.32 -1.00
C THR A 316 -14.22 -6.53 -0.52
N ALA A 317 -14.46 -7.57 0.26
CA ALA A 317 -15.82 -7.80 0.75
C ALA A 317 -16.27 -6.70 1.70
N LEU A 318 -15.30 -6.09 2.38
CA LEU A 318 -15.61 -4.92 3.28
C LEU A 318 -15.78 -3.65 2.49
N GLY A 319 -15.45 -3.67 1.22
CA GLY A 319 -15.72 -2.56 0.28
C GLY A 319 -14.55 -1.89 -0.39
N ALA A 320 -13.34 -2.36 -0.12
CA ALA A 320 -12.15 -1.77 -0.71
C ALA A 320 -12.11 -1.95 -2.23
N SER A 321 -11.67 -0.91 -2.90
CA SER A 321 -11.43 -0.95 -4.33
C SER A 321 -10.15 -1.79 -4.65
N ALA A 322 -9.17 -1.74 -3.74
CA ALA A 322 -7.89 -2.36 -3.92
C ALA A 322 -7.14 -2.28 -2.60
N VAL A 323 -6.08 -3.06 -2.47
CA VAL A 323 -5.27 -2.98 -1.29
C VAL A 323 -3.85 -2.54 -1.62
N LEU A 324 -3.13 -2.09 -0.62
CA LEU A 324 -1.68 -1.98 -0.72
C LEU A 324 -1.06 -3.10 0.10
N VAL A 325 0.12 -3.53 -0.32
CA VAL A 325 0.90 -4.53 0.40
C VAL A 325 2.36 -3.99 0.57
N GLY A 326 2.87 -3.96 1.79
CA GLY A 326 4.16 -3.35 2.14
C GLY A 326 5.17 -4.40 2.53
N ARG A 327 5.18 -4.73 3.81
CA ARG A 327 6.22 -5.59 4.34
C ARG A 327 6.45 -6.90 3.54
N PRO A 328 5.38 -7.60 3.09
CA PRO A 328 5.69 -8.89 2.40
C PRO A 328 6.48 -8.69 1.13
N VAL A 329 6.27 -7.56 0.45
CA VAL A 329 7.04 -7.30 -0.83
C VAL A 329 8.55 -7.16 -0.47
N MET A 330 8.85 -6.54 0.64
CA MET A 330 10.22 -6.34 1.11
C MET A 330 10.82 -7.64 1.59
N TRP A 331 10.02 -8.50 2.20
CA TRP A 331 10.53 -9.85 2.53
C TRP A 331 10.98 -10.60 1.27
N ALA A 332 10.16 -10.57 0.21
CA ALA A 332 10.46 -11.28 -1.02
C ALA A 332 11.72 -10.65 -1.69
N LEU A 333 11.81 -9.31 -1.66
CA LEU A 333 12.96 -8.58 -2.14
C LEU A 333 14.22 -9.00 -1.40
N ALA A 334 14.17 -9.02 -0.09
CA ALA A 334 15.31 -9.40 0.76
C ALA A 334 15.74 -10.84 0.46
N ALA A 335 14.77 -11.72 0.32
CA ALA A 335 15.06 -13.14 0.18
C ALA A 335 15.60 -13.48 -1.20
N ALA A 336 15.07 -12.89 -2.27
CA ALA A 336 15.42 -13.34 -3.60
C ALA A 336 15.39 -12.29 -4.69
N GLY A 337 15.51 -11.02 -4.33
CA GLY A 337 15.64 -9.93 -5.30
C GLY A 337 14.43 -9.83 -6.20
N GLN A 338 14.63 -9.45 -7.45
CA GLN A 338 13.54 -9.39 -8.40
C GLN A 338 12.75 -10.65 -8.50
N ASP A 339 13.42 -11.80 -8.60
CA ASP A 339 12.73 -13.04 -8.80
CA ASP A 339 12.71 -13.03 -8.85
C ASP A 339 11.86 -13.36 -7.59
N GLY A 340 12.36 -13.02 -6.42
CA GLY A 340 11.61 -13.18 -5.15
C GLY A 340 10.28 -12.41 -5.20
N VAL A 341 10.33 -11.15 -5.63
CA VAL A 341 9.07 -10.33 -5.71
C VAL A 341 8.17 -10.88 -6.75
N ARG A 342 8.71 -11.31 -7.91
CA ARG A 342 7.90 -11.93 -8.90
C ARG A 342 7.18 -13.15 -8.36
N GLN A 343 7.86 -13.98 -7.59
CA GLN A 343 7.24 -15.20 -7.06
C GLN A 343 6.10 -14.87 -6.06
N LEU A 344 6.40 -13.88 -5.22
CA LEU A 344 5.36 -13.37 -4.28
C LEU A 344 4.14 -12.92 -5.05
N LEU A 345 4.31 -12.07 -6.06
CA LEU A 345 3.18 -11.57 -6.82
C LEU A 345 2.43 -12.63 -7.59
N GLU A 346 3.13 -13.66 -8.08
CA GLU A 346 2.43 -14.77 -8.64
C GLU A 346 1.66 -15.60 -7.62
N LEU A 347 2.21 -15.77 -6.46
CA LEU A 347 1.52 -16.53 -5.41
C LEU A 347 0.23 -15.73 -4.99
N LEU A 348 0.40 -14.43 -4.81
CA LEU A 348 -0.80 -13.60 -4.49
C LEU A 348 -1.81 -13.63 -5.55
N ALA A 349 -1.40 -13.54 -6.82
CA ALA A 349 -2.34 -13.64 -7.94
C ALA A 349 -3.13 -14.92 -7.94
N GLU A 350 -2.44 -16.02 -7.71
CA GLU A 350 -3.13 -17.33 -7.68
C GLU A 350 -4.09 -17.40 -6.43
N GLU A 351 -3.65 -16.90 -5.32
CA GLU A 351 -4.44 -16.93 -4.04
C GLU A 351 -5.66 -16.05 -4.20
N VAL A 352 -5.53 -14.88 -4.86
CA VAL A 352 -6.69 -14.02 -5.06
C VAL A 352 -7.70 -14.66 -5.98
N ARG A 353 -7.25 -15.25 -7.11
N ARG A 353 -7.21 -15.24 -7.08
CA ARG A 353 -8.17 -15.94 -7.99
CA ARG A 353 -8.08 -15.89 -7.99
C ARG A 353 -8.89 -17.13 -7.33
C ARG A 353 -8.82 -17.08 -7.37
N ASP A 354 -8.11 -17.89 -6.58
CA ASP A 354 -8.57 -19.09 -5.78
CA ASP A 354 -8.71 -19.05 -5.98
C ASP A 354 -9.73 -18.65 -4.87
N ALA A 355 -9.42 -17.65 -4.06
CA ALA A 355 -10.37 -17.12 -3.08
C ALA A 355 -11.60 -16.59 -3.68
N MET A 356 -11.46 -15.81 -4.77
CA MET A 356 -12.61 -15.29 -5.46
C MET A 356 -13.53 -16.35 -5.99
N GLY A 357 -12.99 -17.37 -6.65
CA GLY A 357 -13.84 -18.37 -7.18
C GLY A 357 -14.46 -19.26 -6.14
N LEU A 358 -13.73 -19.64 -5.10
CA LEU A 358 -14.30 -20.38 -3.97
C LEU A 358 -15.43 -19.62 -3.30
N ALA A 359 -15.39 -18.29 -3.42
CA ALA A 359 -16.47 -17.43 -2.89
C ALA A 359 -17.53 -17.06 -3.91
N GLY A 360 -17.47 -17.63 -5.11
CA GLY A 360 -18.50 -17.44 -6.14
C GLY A 360 -18.43 -16.09 -6.86
N CYS A 361 -17.24 -15.52 -6.94
CA CYS A 361 -17.07 -14.23 -7.56
C CYS A 361 -16.26 -14.33 -8.85
N GLU A 362 -16.88 -13.94 -9.93
CA GLU A 362 -16.19 -13.95 -11.22
C GLU A 362 -15.41 -12.65 -11.46
N SER A 363 -15.64 -11.62 -10.66
CA SER A 363 -15.00 -10.33 -10.79
C SER A 363 -14.80 -9.71 -9.45
N VAL A 364 -13.91 -8.71 -9.39
CA VAL A 364 -13.71 -7.98 -8.13
C VAL A 364 -15.01 -7.26 -7.65
N GLY A 365 -15.76 -6.72 -8.60
CA GLY A 365 -17.06 -6.08 -8.24
C GLY A 365 -17.96 -7.03 -7.51
N ALA A 366 -18.04 -8.30 -7.95
CA ALA A 366 -18.84 -9.27 -7.27
C ALA A 366 -18.28 -9.55 -5.85
N ALA A 367 -16.96 -9.61 -5.70
CA ALA A 367 -16.34 -9.78 -4.41
C ALA A 367 -16.76 -8.60 -3.45
N ARG A 368 -16.91 -7.40 -3.97
CA ARG A 368 -17.31 -6.31 -3.16
C ARG A 368 -18.70 -6.45 -2.62
N ARG A 369 -19.55 -7.21 -3.30
CA ARG A 369 -20.91 -7.45 -2.83
C ARG A 369 -21.02 -8.63 -1.87
N LEU A 370 -19.93 -9.37 -1.64
CA LEU A 370 -19.99 -10.39 -0.55
C LEU A 370 -20.26 -9.80 0.81
N ASN A 371 -20.95 -10.56 1.66
CA ASN A 371 -21.14 -10.17 3.05
C ASN A 371 -20.09 -10.90 3.93
N THR A 372 -19.91 -10.34 5.10
CA THR A 372 -19.01 -10.82 6.10
C THR A 372 -19.68 -11.01 7.40
N LYS A 373 -18.99 -11.74 8.29
CA LYS A 373 -19.44 -11.97 9.63
C LYS A 373 -18.23 -11.83 10.55
N LEU A 374 -18.34 -11.14 11.66
CA LEU A 374 -17.23 -11.10 12.62
C LEU A 374 -17.20 -12.26 13.61
N GLY A 375 -16.03 -12.86 13.84
CA GLY A 375 -15.88 -14.08 14.69
C GLY A 375 -15.61 -13.85 16.17
#